data_4A4L
#
_entry.id   4A4L
#
_cell.length_a   66.595
_cell.length_b   66.595
_cell.length_c   154.035
_cell.angle_alpha   90.00
_cell.angle_beta   90.00
_cell.angle_gamma   120.00
#
_symmetry.space_group_name_H-M   'P 32 2 1'
#
loop_
_entity.id
_entity.type
_entity.pdbx_description
1 polymer 'SERINE/THREONINE-PROTEIN KINASE PLK1'
2 non-polymer 'ZINC ION'
3 non-polymer 'L(+)-TARTARIC ACID'
4 non-polymer 1-METHYL-5-(2-{[5-(4-METHYLPIPERAZIN-1-YL)-2-(TRIFLUOROMETHOXY)PHENYL]AMINO}PYRIMIDIN-4-YL)-1H-PYRROLE-3-CARBOXAMIDE
5 water water
#
_entity_poly.entity_id   1
_entity_poly.type   'polypeptide(L)'
_entity_poly.pdbx_seq_one_letter_code
;GPAKEIPEVLVDPRSRRRYVRGRFLGKGGFAKCFEISDADTKEVFAGKIVPKSLLLKPHQREKMSMEISIHRSLAHQHVV
GFHGFFEDNDFVFVVLELCRRRSLLELHKRRKALTEPEARYYLRQIVLGCQYLHRNRVIHRDLKLGNLFLNEDLEVKIGD
FGLATKVEYDGERKKTLCGTPNYIAPEVLSKKGHSFEVDVWSIGCIMYTLLVGKPPFETSCLKETYLRIKKNEYSIPKHI
NPVAASLIQKMLQTDPTARPTINELLNDEFFTSGYIPARLPITCLTIPPRFSIAPSSLDPSNRKPLTVLNK
;
_entity_poly.pdbx_strand_id   A
#
# COMPACT_ATOMS: atom_id res chain seq x y z
N GLU A 5 1.49 -16.96 21.57
CA GLU A 5 1.57 -16.83 23.06
C GLU A 5 1.16 -15.44 23.52
N ILE A 6 0.23 -14.83 22.79
CA ILE A 6 -0.09 -13.42 22.92
C ILE A 6 -1.24 -13.22 23.89
N PRO A 7 -1.14 -12.20 24.76
CA PRO A 7 -2.15 -11.89 25.78
C PRO A 7 -3.54 -11.74 25.19
N GLU A 8 -4.51 -12.47 25.75
CA GLU A 8 -5.89 -12.28 25.36
C GLU A 8 -6.29 -10.83 25.59
N VAL A 9 -5.71 -10.20 26.60
CA VAL A 9 -6.01 -8.80 26.86
C VAL A 9 -4.80 -7.91 26.75
N LEU A 10 -5.02 -6.65 26.41
CA LEU A 10 -3.93 -5.76 26.07
C LEU A 10 -4.09 -4.40 26.73
N VAL A 11 -3.21 -4.11 27.70
CA VAL A 11 -3.31 -2.86 28.45
C VAL A 11 -2.23 -1.87 28.06
N ASP A 12 -2.65 -0.65 27.77
CA ASP A 12 -1.72 0.45 27.58
C ASP A 12 -1.58 1.15 28.93
N PRO A 13 -0.42 1.01 29.61
CA PRO A 13 -0.23 1.72 30.88
C PRO A 13 -0.40 3.23 30.76
N ARG A 14 0.20 3.80 29.72
CA ARG A 14 0.30 5.25 29.58
C ARG A 14 -1.06 5.92 29.40
N SER A 15 -1.96 5.27 28.66
CA SER A 15 -3.32 5.79 28.42
C SER A 15 -4.38 4.89 29.08
N ARG A 16 -3.89 3.83 29.72
CA ARG A 16 -4.71 2.90 30.52
C ARG A 16 -5.82 2.19 29.77
N ARG A 17 -6.17 2.67 28.58
CA ARG A 17 -7.11 1.96 27.75
C ARG A 17 -6.72 0.48 27.64
N ARG A 18 -7.73 -0.38 27.63
CA ARG A 18 -7.50 -1.82 27.59
C ARG A 18 -8.23 -2.39 26.39
N TYR A 19 -7.66 -3.44 25.79
CA TYR A 19 -8.19 -4.00 24.57
C TYR A 19 -8.42 -5.51 24.68
N VAL A 20 -9.50 -5.99 24.08
CA VAL A 20 -9.75 -7.43 23.98
C VAL A 20 -9.32 -7.91 22.61
N ARG A 21 -8.59 -9.02 22.57
CA ARG A 21 -8.06 -9.52 21.32
C ARG A 21 -9.11 -10.35 20.58
N GLY A 22 -9.37 -10.00 19.33
CA GLY A 22 -10.40 -10.66 18.55
C GLY A 22 -9.82 -11.58 17.48
N ARG A 23 -10.43 -11.59 16.31
CA ARG A 23 -10.05 -12.57 15.28
C ARG A 23 -8.81 -12.18 14.47
N PHE A 24 -8.06 -13.22 14.11
CA PHE A 24 -6.85 -13.11 13.30
C PHE A 24 -7.17 -12.61 11.90
N LEU A 25 -6.28 -11.77 11.35
CA LEU A 25 -6.50 -11.17 10.04
C LEU A 25 -5.39 -11.51 9.04
N GLY A 26 -4.14 -11.48 9.47
CA GLY A 26 -3.07 -11.79 8.53
C GLY A 26 -1.68 -11.40 9.02
N LYS A 27 -0.75 -11.27 8.08
CA LYS A 27 0.62 -10.91 8.41
C LYS A 27 1.01 -9.47 8.04
N GLY A 28 1.77 -8.84 8.94
CA GLY A 28 2.99 -8.16 8.53
C GLY A 28 4.08 -9.21 8.48
N GLY A 29 5.26 -8.84 7.97
CA GLY A 29 6.38 -9.77 7.98
C GLY A 29 6.51 -10.49 9.32
N PHE A 30 7.03 -9.79 10.31
CA PHE A 30 7.17 -10.35 11.66
C PHE A 30 5.83 -10.35 12.42
N ALA A 31 4.88 -9.53 11.96
CA ALA A 31 3.69 -9.29 12.75
C ALA A 31 2.54 -10.23 12.42
N LYS A 32 1.65 -10.41 13.39
CA LYS A 32 0.36 -11.03 13.19
C LYS A 32 -0.63 -9.96 13.64
N CYS A 33 -1.75 -9.82 12.93
CA CYS A 33 -2.75 -8.80 13.27
C CYS A 33 -4.10 -9.39 13.63
N PHE A 34 -4.82 -8.72 14.51
CA PHE A 34 -6.12 -9.18 14.95
C PHE A 34 -6.99 -7.94 15.09
N GLU A 35 -8.29 -8.17 14.99
CA GLU A 35 -9.27 -7.21 15.44
C GLU A 35 -9.12 -7.10 16.97
N ILE A 36 -9.33 -5.90 17.52
CA ILE A 36 -9.32 -5.71 18.97
C ILE A 36 -10.27 -4.57 19.33
N SER A 37 -10.79 -4.57 20.55
CA SER A 37 -11.73 -3.51 20.95
C SER A 37 -11.46 -2.83 22.30
N ASP A 38 -11.76 -1.54 22.33
CA ASP A 38 -11.39 -0.68 23.44
C ASP A 38 -12.07 -1.02 24.77
N ALA A 39 -12.80 -2.14 24.81
CA ALA A 39 -13.26 -2.74 26.07
C ALA A 39 -14.08 -1.85 27.00
N ASP A 40 -13.77 -0.54 26.99
CA ASP A 40 -14.58 0.44 27.69
C ASP A 40 -15.47 1.22 26.73
N THR A 41 -14.87 1.77 25.68
CA THR A 41 -15.66 2.46 24.67
C THR A 41 -16.06 1.47 23.58
N LYS A 42 -15.55 0.24 23.69
CA LYS A 42 -15.97 -0.87 22.85
C LYS A 42 -15.67 -0.62 21.36
N GLU A 43 -14.98 0.49 21.10
CA GLU A 43 -14.51 0.82 19.76
C GLU A 43 -13.56 -0.27 19.21
N VAL A 44 -13.66 -0.52 17.91
CA VAL A 44 -12.87 -1.59 17.32
C VAL A 44 -11.71 -1.09 16.47
N PHE A 45 -10.62 -1.84 16.55
CA PHE A 45 -9.39 -1.49 15.89
C PHE A 45 -8.72 -2.72 15.31
N ALA A 46 -7.71 -2.49 14.47
CA ALA A 46 -6.78 -3.54 14.12
C ALA A 46 -5.54 -3.42 15.01
N GLY A 47 -5.16 -4.54 15.63
CA GLY A 47 -3.91 -4.62 16.34
C GLY A 47 -2.80 -5.38 15.61
N LYS A 48 -1.71 -4.69 15.29
CA LYS A 48 -0.56 -5.32 14.65
C LYS A 48 0.47 -5.71 15.72
N ILE A 49 0.59 -7.00 16.01
CA ILE A 49 1.26 -7.43 17.21
C ILE A 49 2.58 -8.11 16.89
N VAL A 50 3.67 -7.54 17.37
CA VAL A 50 4.98 -8.06 17.02
C VAL A 50 5.78 -8.56 18.23
N PRO A 51 6.22 -9.81 18.16
CA PRO A 51 6.96 -10.47 19.23
C PRO A 51 8.33 -9.84 19.38
N LYS A 52 8.70 -9.44 20.58
CA LYS A 52 10.05 -8.92 20.80
C LYS A 52 11.12 -9.98 20.55
N SER A 53 10.68 -11.24 20.43
CA SER A 53 11.59 -12.36 20.16
C SER A 53 12.19 -12.32 18.74
N LEU A 54 11.54 -11.57 17.86
CA LEU A 54 12.06 -11.35 16.52
C LEU A 54 12.74 -10.02 16.42
N LEU A 55 12.88 -9.33 17.55
CA LEU A 55 13.40 -7.97 17.57
C LEU A 55 14.68 -7.86 18.39
N LEU A 56 15.43 -8.96 18.45
CA LEU A 56 16.64 -9.03 19.30
C LEU A 56 17.81 -8.22 18.75
N LYS A 57 17.78 -7.93 17.45
CA LYS A 57 18.89 -7.24 16.83
C LYS A 57 18.57 -5.77 16.75
N PRO A 58 19.58 -4.94 17.02
CA PRO A 58 19.32 -3.51 16.95
C PRO A 58 18.80 -3.07 15.56
N HIS A 59 19.26 -3.74 14.51
CA HIS A 59 18.84 -3.38 13.16
C HIS A 59 17.33 -3.61 12.95
N GLN A 60 16.80 -4.69 13.52
CA GLN A 60 15.39 -5.01 13.40
C GLN A 60 14.54 -4.04 14.23
N ARG A 61 15.05 -3.64 15.39
CA ARG A 61 14.31 -2.70 16.24
C ARG A 61 14.30 -1.30 15.68
N GLU A 62 15.35 -0.92 14.97
CA GLU A 62 15.31 0.36 14.28
C GLU A 62 14.21 0.38 13.23
N LYS A 63 14.11 -0.70 12.44
CA LYS A 63 13.07 -0.78 11.43
C LYS A 63 11.71 -0.65 12.10
N MET A 64 11.49 -1.48 13.12
CA MET A 64 10.24 -1.47 13.84
C MET A 64 9.89 -0.06 14.31
N SER A 65 10.83 0.61 14.97
CA SER A 65 10.54 1.97 15.45
C SER A 65 10.54 3.03 14.37
N MET A 66 11.28 2.83 13.30
CA MET A 66 11.18 3.73 12.15
C MET A 66 9.79 3.67 11.54
N GLU A 67 9.18 2.50 11.57
CA GLU A 67 7.84 2.34 11.02
C GLU A 67 6.80 3.12 11.83
N ILE A 68 6.90 3.03 13.15
CA ILE A 68 6.01 3.73 14.07
C ILE A 68 6.20 5.22 13.95
N SER A 69 7.46 5.63 13.97
CA SER A 69 7.84 7.01 13.75
C SER A 69 7.19 7.61 12.52
N ILE A 70 7.27 6.91 11.41
CA ILE A 70 6.75 7.44 10.17
C ILE A 70 5.26 7.37 10.20
N HIS A 71 4.73 6.26 10.69
CA HIS A 71 3.30 6.05 10.54
C HIS A 71 2.49 6.97 11.47
N ARG A 72 2.97 7.20 12.69
CA ARG A 72 2.19 8.00 13.62
C ARG A 72 2.23 9.50 13.27
N SER A 73 3.11 9.89 12.36
CA SER A 73 3.19 11.26 11.96
C SER A 73 2.14 11.58 10.90
N LEU A 74 1.35 10.59 10.52
CA LEU A 74 0.54 10.67 9.30
C LEU A 74 -0.95 10.73 9.61
N ALA A 75 -1.69 11.58 8.93
CA ALA A 75 -3.14 11.61 9.13
C ALA A 75 -3.82 12.00 7.83
N HIS A 76 -4.63 11.11 7.30
CA HIS A 76 -5.22 11.36 6.00
C HIS A 76 -6.30 10.35 5.60
N GLN A 77 -7.25 10.78 4.78
CA GLN A 77 -8.38 9.94 4.46
C GLN A 77 -7.98 8.64 3.75
N HIS A 78 -6.87 8.68 3.04
CA HIS A 78 -6.46 7.51 2.31
C HIS A 78 -5.22 6.85 2.85
N VAL A 79 -4.95 7.07 4.13
CA VAL A 79 -3.87 6.37 4.82
C VAL A 79 -4.46 5.70 6.04
N VAL A 80 -3.95 4.54 6.42
CA VAL A 80 -4.48 3.83 7.58
C VAL A 80 -4.22 4.59 8.90
N GLY A 81 -5.28 4.90 9.63
CA GLY A 81 -5.13 5.70 10.83
C GLY A 81 -4.26 5.06 11.91
N PHE A 82 -3.29 5.82 12.41
CA PHE A 82 -2.48 5.36 13.54
C PHE A 82 -3.18 5.83 14.81
N HIS A 83 -3.53 4.88 15.68
CA HIS A 83 -4.17 5.27 16.92
C HIS A 83 -3.26 5.16 18.13
N GLY A 84 -2.18 4.38 17.99
CA GLY A 84 -1.12 4.41 18.97
C GLY A 84 -0.34 3.11 19.07
N PHE A 85 0.57 3.06 20.04
CA PHE A 85 1.32 1.84 20.30
C PHE A 85 1.72 1.77 21.76
N PHE A 86 2.01 0.55 22.20
CA PHE A 86 2.62 0.32 23.50
C PHE A 86 3.25 -1.05 23.43
N GLU A 87 3.99 -1.40 24.47
CA GLU A 87 4.61 -2.74 24.56
C GLU A 87 4.54 -3.20 26.03
N ASP A 88 4.43 -4.51 26.22
CA ASP A 88 4.98 -5.14 27.39
C ASP A 88 6.38 -5.53 26.94
N ASN A 89 6.91 -6.68 27.35
CA ASN A 89 8.07 -7.13 26.61
C ASN A 89 8.15 -8.60 26.34
N ASP A 90 7.17 -9.09 25.59
CA ASP A 90 7.48 -10.06 24.56
C ASP A 90 6.85 -9.59 23.26
N PHE A 91 6.15 -8.45 23.35
CA PHE A 91 5.38 -7.91 22.24
C PHE A 91 5.42 -6.40 22.12
N VAL A 92 5.43 -5.91 20.89
CA VAL A 92 5.01 -4.54 20.59
C VAL A 92 3.57 -4.59 20.03
N PHE A 93 2.73 -3.66 20.47
CA PHE A 93 1.37 -3.56 19.96
C PHE A 93 1.17 -2.24 19.23
N VAL A 94 0.65 -2.30 18.01
CA VAL A 94 0.27 -1.08 17.34
C VAL A 94 -1.22 -1.09 17.11
N VAL A 95 -1.87 0.03 17.37
CA VAL A 95 -3.32 0.12 17.19
C VAL A 95 -3.69 0.91 15.94
N LEU A 96 -4.31 0.23 14.97
CA LEU A 96 -4.62 0.86 13.70
C LEU A 96 -6.12 0.94 13.42
N GLU A 97 -6.50 1.93 12.64
CA GLU A 97 -7.88 2.05 12.10
C GLU A 97 -8.23 0.74 11.41
N LEU A 98 -9.38 0.15 11.76
CA LEU A 98 -9.71 -1.14 11.17
C LEU A 98 -10.32 -0.96 9.80
N CYS A 99 -9.76 -1.63 8.80
CA CYS A 99 -10.36 -1.60 7.47
C CYS A 99 -11.23 -2.84 7.21
N ARG A 100 -12.55 -2.62 7.21
CA ARG A 100 -13.46 -3.72 7.35
C ARG A 100 -13.66 -4.55 6.10
N ARG A 101 -13.15 -4.09 4.97
CA ARG A 101 -13.23 -4.86 3.73
C ARG A 101 -11.88 -5.33 3.22
N ARG A 102 -11.00 -5.75 4.13
CA ARG A 102 -9.72 -6.36 3.77
C ARG A 102 -8.88 -5.45 2.87
N SER A 103 -8.34 -5.95 1.76
CA SER A 103 -7.50 -5.12 0.87
C SER A 103 -7.81 -5.34 -0.60
N LEU A 104 -7.17 -4.56 -1.47
CA LEU A 104 -7.36 -4.72 -2.91
C LEU A 104 -6.87 -6.07 -3.41
N LEU A 105 -6.05 -6.77 -2.63
CA LEU A 105 -5.54 -8.08 -3.07
C LEU A 105 -6.69 -9.10 -3.13
N GLU A 106 -7.49 -9.11 -2.08
CA GLU A 106 -8.59 -10.04 -2.01
C GLU A 106 -9.61 -9.69 -3.08
N LEU A 107 -9.76 -8.38 -3.34
CA LEU A 107 -10.66 -7.94 -4.40
C LEU A 107 -10.17 -8.53 -5.71
N HIS A 108 -8.88 -8.43 -5.96
CA HIS A 108 -8.33 -8.87 -7.21
C HIS A 108 -8.42 -10.38 -7.36
N LYS A 109 -8.33 -11.10 -6.24
CA LYS A 109 -8.35 -12.56 -6.25
C LYS A 109 -9.70 -13.01 -6.79
N ARG A 110 -10.71 -12.21 -6.46
CA ARG A 110 -12.09 -12.57 -6.62
C ARG A 110 -12.64 -12.01 -7.93
N ARG A 111 -12.17 -10.84 -8.35
CA ARG A 111 -12.63 -10.23 -9.61
C ARG A 111 -11.66 -10.32 -10.77
N LYS A 112 -10.39 -10.63 -10.52
CA LYS A 112 -9.36 -10.46 -11.56
C LYS A 112 -9.50 -9.07 -12.22
N ALA A 113 -9.37 -8.93 -13.54
CA ALA A 113 -9.35 -7.59 -14.15
C ALA A 113 -10.60 -6.74 -13.85
N LEU A 114 -10.40 -5.50 -13.41
CA LEU A 114 -11.52 -4.59 -13.10
C LEU A 114 -11.97 -3.77 -14.34
N THR A 115 -13.21 -3.24 -14.28
CA THR A 115 -13.65 -2.28 -15.28
C THR A 115 -12.87 -0.95 -15.18
N GLU A 116 -12.65 -0.29 -16.30
CA GLU A 116 -11.86 0.94 -16.29
C GLU A 116 -12.33 1.94 -15.21
N PRO A 117 -13.65 2.18 -15.14
CA PRO A 117 -14.13 3.13 -14.12
C PRO A 117 -13.71 2.71 -12.72
N GLU A 118 -13.89 1.44 -12.37
CA GLU A 118 -13.37 0.93 -11.12
C GLU A 118 -11.89 1.20 -10.90
N ALA A 119 -11.11 1.14 -11.97
CA ALA A 119 -9.68 1.32 -11.82
C ALA A 119 -9.39 2.80 -11.57
N ARG A 120 -10.10 3.68 -12.30
CA ARG A 120 -9.95 5.11 -12.08
C ARG A 120 -10.29 5.43 -10.65
N TYR A 121 -11.38 4.87 -10.19
CA TYR A 121 -11.86 5.17 -8.86
C TYR A 121 -10.79 4.81 -7.83
N TYR A 122 -10.22 3.61 -7.91
CA TYR A 122 -9.28 3.20 -6.89
C TYR A 122 -7.96 3.96 -7.09
N LEU A 123 -7.56 4.14 -8.34
CA LEU A 123 -6.25 4.69 -8.62
C LEU A 123 -6.15 6.15 -8.13
N ARG A 124 -7.20 6.93 -8.39
CA ARG A 124 -7.30 8.26 -7.79
C ARG A 124 -6.98 8.28 -6.25
N GLN A 125 -7.61 7.40 -5.49
CA GLN A 125 -7.45 7.42 -4.04
C GLN A 125 -6.05 7.00 -3.67
N ILE A 126 -5.51 6.06 -4.43
CA ILE A 126 -4.18 5.61 -4.14
C ILE A 126 -3.28 6.82 -4.35
N VAL A 127 -3.55 7.59 -5.40
CA VAL A 127 -2.69 8.71 -5.79
C VAL A 127 -2.82 9.86 -4.84
N LEU A 128 -4.03 10.13 -4.37
CA LEU A 128 -4.22 11.19 -3.37
C LEU A 128 -3.44 10.83 -2.11
N GLY A 129 -3.47 9.53 -1.78
CA GLY A 129 -2.83 9.08 -0.59
C GLY A 129 -1.35 9.28 -0.75
N CYS A 130 -0.88 8.92 -1.93
CA CYS A 130 0.56 8.99 -2.16
C CYS A 130 1.02 10.46 -2.24
N GLN A 131 0.16 11.34 -2.75
CA GLN A 131 0.49 12.78 -2.79
C GLN A 131 0.68 13.29 -1.36
N TYR A 132 -0.22 12.90 -0.47
CA TYR A 132 -0.05 13.31 0.91
C TYR A 132 1.31 12.81 1.44
N LEU A 133 1.73 11.62 1.07
CA LEU A 133 2.92 11.06 1.69
C LEU A 133 4.13 11.79 1.12
N HIS A 134 4.07 12.10 -0.17
CA HIS A 134 5.20 12.78 -0.76
C HIS A 134 5.34 14.23 -0.24
N ARG A 135 4.21 14.92 0.02
CA ARG A 135 4.28 16.27 0.63
C ARG A 135 4.97 16.18 1.97
N ASN A 136 4.71 15.10 2.70
CA ASN A 136 5.35 14.93 3.98
C ASN A 136 6.67 14.20 3.88
N ARG A 137 7.19 14.11 2.67
CA ARG A 137 8.57 13.65 2.51
C ARG A 137 8.74 12.18 2.84
N VAL A 138 7.70 11.39 2.61
CA VAL A 138 7.74 9.96 2.88
C VAL A 138 7.66 9.20 1.55
N ILE A 139 8.54 8.22 1.35
CA ILE A 139 8.39 7.28 0.24
C ILE A 139 7.94 5.95 0.85
N HIS A 140 6.89 5.35 0.31
CA HIS A 140 6.32 4.10 0.88
C HIS A 140 7.24 2.92 0.55
N ARG A 141 7.51 2.78 -0.75
CA ARG A 141 8.48 1.82 -1.28
C ARG A 141 7.96 0.37 -1.43
N ASP A 142 6.74 0.11 -1.00
CA ASP A 142 6.13 -1.19 -1.26
C ASP A 142 4.63 -1.12 -1.54
N LEU A 143 4.22 -0.13 -2.32
CA LEU A 143 2.82 -0.09 -2.67
C LEU A 143 2.47 -1.33 -3.54
N LYS A 144 1.48 -2.10 -3.06
CA LYS A 144 1.00 -3.29 -3.75
C LYS A 144 -0.41 -3.52 -3.26
N LEU A 145 -1.09 -4.49 -3.87
CA LEU A 145 -2.51 -4.68 -3.66
C LEU A 145 -2.84 -5.03 -2.22
N GLY A 146 -1.96 -5.79 -1.58
CA GLY A 146 -2.25 -6.29 -0.25
C GLY A 146 -1.99 -5.27 0.85
N ASN A 147 -1.40 -4.15 0.43
CA ASN A 147 -1.13 -2.99 1.25
C ASN A 147 -2.22 -1.95 1.12
N LEU A 148 -3.01 -2.07 0.09
CA LEU A 148 -4.06 -1.11 -0.15
C LEU A 148 -5.38 -1.60 0.42
N PHE A 149 -5.62 -1.23 1.68
CA PHE A 149 -6.79 -1.64 2.45
C PHE A 149 -8.07 -0.88 2.13
N LEU A 150 -9.21 -1.50 2.43
CA LEU A 150 -10.50 -0.94 2.07
C LEU A 150 -11.37 -0.84 3.32
N ASN A 151 -12.01 0.31 3.54
CA ASN A 151 -12.93 0.43 4.65
C ASN A 151 -14.31 0.03 4.18
N GLU A 152 -15.32 0.21 5.03
CA GLU A 152 -16.65 -0.31 4.74
C GLU A 152 -17.24 0.41 3.52
N ASP A 153 -16.84 1.65 3.33
CA ASP A 153 -17.25 2.41 2.15
C ASP A 153 -16.38 2.13 0.94
N LEU A 154 -15.51 1.12 1.00
CA LEU A 154 -14.63 0.81 -0.11
C LEU A 154 -13.71 1.99 -0.48
N GLU A 155 -13.29 2.74 0.51
CA GLU A 155 -12.28 3.73 0.28
C GLU A 155 -10.93 3.13 0.55
N VAL A 156 -9.97 3.51 -0.28
CA VAL A 156 -8.62 3.00 -0.17
C VAL A 156 -7.89 3.63 1.02
N LYS A 157 -7.15 2.81 1.75
CA LYS A 157 -6.28 3.27 2.84
C LYS A 157 -4.92 2.57 2.73
N ILE A 158 -3.90 3.36 2.40
CA ILE A 158 -2.53 2.89 2.35
C ILE A 158 -2.08 2.54 3.75
N GLY A 159 -1.50 1.33 3.87
CA GLY A 159 -0.96 0.86 5.13
C GLY A 159 0.33 0.08 4.92
N ASP A 160 0.83 -0.44 6.03
CA ASP A 160 2.12 -1.08 6.11
C ASP A 160 3.28 -0.19 5.72
N PHE A 161 3.72 0.61 6.67
CA PHE A 161 4.88 1.45 6.44
C PHE A 161 6.15 0.76 6.84
N GLY A 162 6.17 -0.56 6.65
CA GLY A 162 7.31 -1.35 7.09
C GLY A 162 8.55 -1.14 6.25
N LEU A 163 8.41 -0.56 5.08
CA LEU A 163 9.58 -0.34 4.23
C LEU A 163 9.70 1.12 3.84
N ALA A 164 8.90 1.98 4.49
CA ALA A 164 8.87 3.40 4.14
C ALA A 164 10.09 4.13 4.66
N THR A 165 10.43 5.25 4.02
CA THR A 165 11.65 5.97 4.38
C THR A 165 11.40 7.46 4.20
N LYS A 166 12.07 8.23 5.06
CA LYS A 166 11.91 9.67 5.10
C LYS A 166 13.05 10.32 4.33
N VAL A 167 12.73 11.25 3.45
CA VAL A 167 13.77 12.01 2.76
C VAL A 167 14.20 13.20 3.60
N GLU A 168 15.44 13.17 4.07
CA GLU A 168 15.83 14.01 5.19
C GLU A 168 16.37 15.35 4.72
N TYR A 169 16.95 15.37 3.52
CA TYR A 169 17.35 16.61 2.87
C TYR A 169 17.05 16.54 1.38
N ASP A 170 16.88 17.69 0.75
CA ASP A 170 16.51 17.78 -0.65
C ASP A 170 17.60 17.18 -1.55
N GLY A 171 17.18 16.40 -2.54
CA GLY A 171 18.14 15.74 -3.42
C GLY A 171 18.68 14.42 -2.90
N GLU A 172 18.37 14.06 -1.66
CA GLU A 172 18.86 12.78 -1.10
C GLU A 172 18.45 11.59 -1.96
N ARG A 173 19.38 10.68 -2.21
CA ARG A 173 19.10 9.42 -2.88
C ARG A 173 19.34 8.28 -1.92
N LYS A 174 18.35 7.43 -1.73
CA LYS A 174 18.52 6.30 -0.83
C LYS A 174 19.27 5.23 -1.56
N LYS A 175 20.24 4.63 -0.89
CA LYS A 175 21.07 3.65 -1.56
C LYS A 175 20.64 2.21 -1.29
N THR A 176 19.97 1.98 -0.16
CA THR A 176 19.49 0.64 0.16
C THR A 176 18.01 0.59 0.48
N LEU A 177 17.44 -0.58 0.31
CA LEU A 177 16.06 -0.82 0.70
C LEU A 177 16.09 -2.18 1.33
N CYS A 178 15.95 -2.24 2.65
CA CYS A 178 16.11 -3.51 3.33
C CYS A 178 14.86 -4.36 3.32
N GLY A 179 14.70 -5.15 2.27
CA GLY A 179 13.53 -5.99 2.14
C GLY A 179 13.29 -6.23 0.66
N THR A 180 12.23 -6.96 0.35
CA THR A 180 12.02 -7.36 -1.05
C THR A 180 10.61 -7.03 -1.53
N PRO A 181 10.43 -5.83 -2.09
CA PRO A 181 9.10 -5.47 -2.63
C PRO A 181 8.62 -6.39 -3.76
N ASN A 182 7.29 -6.45 -3.85
CA ASN A 182 6.52 -6.98 -4.99
C ASN A 182 6.88 -6.16 -6.26
N TYR A 183 6.22 -5.02 -6.40
CA TYR A 183 6.36 -4.17 -7.60
C TYR A 183 7.61 -3.26 -7.57
N ILE A 184 8.81 -3.84 -7.57
CA ILE A 184 10.02 -3.08 -7.25
C ILE A 184 10.72 -2.40 -8.43
N ALA A 185 11.19 -1.19 -8.22
CA ALA A 185 11.52 -0.30 -9.31
C ALA A 185 12.93 -0.61 -9.79
N PRO A 186 13.25 -0.31 -11.07
CA PRO A 186 14.53 -0.65 -11.73
C PRO A 186 15.71 -0.16 -10.94
N GLU A 187 15.65 1.12 -10.56
CA GLU A 187 16.78 1.82 -9.99
C GLU A 187 17.10 1.24 -8.62
N VAL A 188 16.10 0.70 -7.95
CA VAL A 188 16.37 0.05 -6.70
C VAL A 188 17.33 -1.11 -6.93
N LEU A 189 17.16 -1.78 -8.07
CA LEU A 189 17.92 -3.01 -8.37
C LEU A 189 19.28 -2.63 -8.89
N SER A 190 19.28 -1.93 -10.01
CA SER A 190 20.53 -1.40 -10.51
C SER A 190 20.95 -0.30 -9.53
N LYS A 191 21.53 -0.72 -8.42
CA LYS A 191 21.58 0.05 -7.19
C LYS A 191 22.36 1.37 -7.37
N LYS A 192 21.72 2.34 -8.01
CA LYS A 192 22.32 3.65 -8.29
C LYS A 192 21.60 4.70 -7.44
N GLY A 193 20.70 4.22 -6.60
CA GLY A 193 20.00 5.09 -5.68
C GLY A 193 18.60 5.40 -6.14
N HIS A 194 17.72 5.74 -5.21
CA HIS A 194 16.32 5.93 -5.57
C HIS A 194 15.65 6.95 -4.69
N SER A 195 14.52 7.46 -5.16
CA SER A 195 13.78 8.43 -4.39
C SER A 195 12.30 8.27 -4.67
N PHE A 196 11.57 9.38 -4.57
CA PHE A 196 10.12 9.40 -4.67
C PHE A 196 9.55 8.64 -5.85
N GLU A 197 10.30 8.57 -6.93
CA GLU A 197 9.76 8.02 -8.17
C GLU A 197 9.43 6.53 -8.03
N VAL A 198 10.05 5.84 -7.07
CA VAL A 198 9.82 4.40 -7.00
C VAL A 198 8.33 4.16 -6.75
N ASP A 199 7.69 5.03 -5.96
CA ASP A 199 6.28 4.84 -5.70
C ASP A 199 5.43 5.02 -6.96
N VAL A 200 5.79 5.96 -7.82
CA VAL A 200 5.02 6.13 -9.05
C VAL A 200 5.19 4.91 -9.94
N TRP A 201 6.38 4.33 -9.91
CA TRP A 201 6.57 3.05 -10.61
C TRP A 201 5.61 1.97 -10.08
N SER A 202 5.55 1.80 -8.76
CA SER A 202 4.61 0.86 -8.16
C SER A 202 3.19 1.09 -8.63
N ILE A 203 2.79 2.37 -8.70
CA ILE A 203 1.44 2.72 -9.07
C ILE A 203 1.22 2.35 -10.54
N GLY A 204 2.28 2.42 -11.34
CA GLY A 204 2.20 1.88 -12.70
C GLY A 204 1.87 0.40 -12.77
N CYS A 205 2.55 -0.41 -11.95
CA CYS A 205 2.32 -1.85 -11.90
C CYS A 205 0.94 -2.16 -11.38
N ILE A 206 0.53 -1.43 -10.36
CA ILE A 206 -0.79 -1.65 -9.79
C ILE A 206 -1.85 -1.37 -10.84
N MET A 207 -1.66 -0.30 -11.62
CA MET A 207 -2.62 0.07 -12.64
C MET A 207 -2.71 -0.99 -13.72
N TYR A 208 -1.57 -1.56 -14.07
CA TYR A 208 -1.50 -2.64 -15.05
C TYR A 208 -2.28 -3.82 -14.51
N THR A 209 -2.02 -4.14 -13.26
CA THR A 209 -2.60 -5.31 -12.65
C THR A 209 -4.11 -5.18 -12.50
N LEU A 210 -4.57 -3.97 -12.21
CA LEU A 210 -6.00 -3.77 -12.01
C LEU A 210 -6.71 -3.94 -13.35
N LEU A 211 -6.11 -3.41 -14.41
CA LEU A 211 -6.71 -3.39 -15.72
C LEU A 211 -6.51 -4.67 -16.50
N VAL A 212 -5.34 -5.29 -16.36
CA VAL A 212 -5.03 -6.49 -17.10
C VAL A 212 -5.44 -7.78 -16.40
N GLY A 213 -5.37 -7.82 -15.08
CA GLY A 213 -5.79 -9.01 -14.37
C GLY A 213 -4.62 -9.80 -13.85
N LYS A 214 -3.42 -9.45 -14.31
CA LYS A 214 -2.22 -9.99 -13.73
C LYS A 214 -1.11 -8.97 -13.83
N PRO A 215 -0.05 -9.09 -13.01
CA PRO A 215 1.04 -8.11 -12.96
C PRO A 215 1.92 -8.12 -14.18
N PRO A 216 2.54 -6.97 -14.48
CA PRO A 216 3.32 -6.76 -15.69
C PRO A 216 4.64 -7.55 -15.84
N PHE A 217 5.24 -7.98 -14.74
CA PHE A 217 6.51 -8.70 -14.89
C PHE A 217 6.52 -10.12 -14.29
N GLU A 218 5.40 -10.85 -14.43
CA GLU A 218 5.28 -12.14 -13.78
C GLU A 218 6.09 -13.22 -14.48
N THR A 219 6.70 -14.10 -13.69
CA THR A 219 7.42 -15.25 -14.18
C THR A 219 7.38 -16.29 -13.09
N SER A 220 7.90 -17.47 -13.36
CA SER A 220 7.98 -18.53 -12.35
C SER A 220 9.10 -18.25 -11.33
N CYS A 221 9.97 -17.31 -11.65
CA CYS A 221 11.10 -17.05 -10.78
C CYS A 221 11.25 -15.58 -10.55
N LEU A 222 11.33 -15.21 -9.29
CA LEU A 222 11.54 -13.83 -8.87
C LEU A 222 12.76 -13.23 -9.58
N LYS A 223 13.85 -13.97 -9.58
CA LYS A 223 15.08 -13.43 -10.10
C LYS A 223 14.92 -13.18 -11.59
N GLU A 224 14.09 -13.98 -12.24
CA GLU A 224 13.72 -13.75 -13.63
C GLU A 224 12.90 -12.49 -13.81
N THR A 225 11.92 -12.31 -12.94
CA THR A 225 11.13 -11.10 -12.94
C THR A 225 12.04 -9.86 -12.81
N TYR A 226 12.99 -9.93 -11.88
CA TYR A 226 13.98 -8.86 -11.72
C TYR A 226 14.71 -8.51 -13.01
N LEU A 227 15.29 -9.51 -13.66
CA LEU A 227 15.88 -9.29 -14.97
C LEU A 227 14.85 -8.63 -15.87
N ARG A 228 13.65 -9.16 -15.90
CA ARG A 228 12.68 -8.60 -16.82
C ARG A 228 12.43 -7.11 -16.54
N ILE A 229 12.41 -6.75 -15.26
CA ILE A 229 12.24 -5.35 -14.86
C ILE A 229 13.42 -4.48 -15.29
N LYS A 230 14.64 -4.96 -15.04
CA LYS A 230 15.82 -4.23 -15.50
C LYS A 230 15.84 -3.94 -17.03
N LYS A 231 15.21 -4.82 -17.81
CA LYS A 231 15.17 -4.69 -19.26
C LYS A 231 13.90 -4.01 -19.74
N ASN A 232 13.07 -3.59 -18.80
CA ASN A 232 11.75 -3.08 -19.13
C ASN A 232 10.99 -4.03 -20.03
N GLU A 233 11.03 -5.33 -19.74
CA GLU A 233 10.40 -6.32 -20.60
C GLU A 233 8.99 -6.71 -20.18
N TYR A 234 8.01 -6.01 -20.72
CA TYR A 234 6.61 -6.33 -20.49
C TYR A 234 5.85 -5.91 -21.74
N SER A 235 4.61 -6.36 -21.84
CA SER A 235 3.83 -5.91 -22.96
C SER A 235 2.41 -5.68 -22.48
N ILE A 236 1.74 -4.71 -23.11
CA ILE A 236 0.38 -4.40 -22.75
C ILE A 236 -0.57 -5.07 -23.75
N PRO A 237 -1.54 -5.85 -23.26
CA PRO A 237 -2.49 -6.49 -24.17
C PRO A 237 -3.40 -5.52 -24.94
N LYS A 238 -3.62 -5.87 -26.21
CA LYS A 238 -4.18 -4.95 -27.20
C LYS A 238 -5.59 -4.49 -26.87
N HIS A 239 -6.31 -5.24 -26.03
CA HIS A 239 -7.67 -4.87 -25.62
C HIS A 239 -7.73 -3.77 -24.55
N ILE A 240 -6.58 -3.37 -24.03
CA ILE A 240 -6.52 -2.21 -23.15
C ILE A 240 -6.55 -0.91 -23.95
N ASN A 241 -7.38 0.02 -23.51
CA ASN A 241 -7.53 1.29 -24.19
C ASN A 241 -6.22 2.07 -24.22
N PRO A 242 -6.03 2.90 -25.25
CA PRO A 242 -4.75 3.59 -25.44
C PRO A 242 -4.43 4.66 -24.38
N VAL A 243 -5.46 5.35 -23.89
CA VAL A 243 -5.21 6.41 -22.94
C VAL A 243 -4.61 5.76 -21.69
N ALA A 244 -5.31 4.73 -21.19
CA ALA A 244 -4.84 3.88 -20.11
C ALA A 244 -3.45 3.36 -20.41
N ALA A 245 -3.30 2.74 -21.57
CA ALA A 245 -2.06 2.06 -21.93
C ALA A 245 -0.90 3.04 -21.94
N SER A 246 -1.19 4.23 -22.46
CA SER A 246 -0.21 5.31 -22.52
C SER A 246 0.21 5.75 -21.12
N LEU A 247 -0.71 5.77 -20.17
CA LEU A 247 -0.36 6.22 -18.82
C LEU A 247 0.48 5.18 -18.11
N ILE A 248 0.08 3.94 -18.28
CA ILE A 248 0.89 2.83 -17.79
C ILE A 248 2.33 3.02 -18.28
N GLN A 249 2.49 3.18 -19.58
CA GLN A 249 3.82 3.33 -20.15
C GLN A 249 4.58 4.52 -19.55
N LYS A 250 3.88 5.61 -19.28
CA LYS A 250 4.55 6.77 -18.70
C LYS A 250 5.18 6.40 -17.37
N MET A 251 4.43 5.64 -16.56
CA MET A 251 4.92 5.26 -15.25
C MET A 251 5.94 4.12 -15.37
N LEU A 252 5.71 3.15 -16.25
CA LEU A 252 6.63 2.03 -16.32
C LEU A 252 7.78 2.35 -17.27
N GLN A 253 8.65 3.25 -16.84
CA GLN A 253 9.83 3.58 -17.62
C GLN A 253 11.02 3.52 -16.72
N THR A 254 12.15 3.16 -17.30
CA THR A 254 13.28 2.73 -16.54
C THR A 254 13.94 3.91 -15.87
N ASP A 255 14.03 5.02 -16.58
CA ASP A 255 14.60 6.26 -16.03
C ASP A 255 13.55 6.95 -15.13
N PRO A 256 13.84 7.11 -13.83
CA PRO A 256 12.85 7.72 -12.94
C PRO A 256 12.45 9.18 -13.28
N THR A 257 13.41 9.93 -13.82
CA THR A 257 13.19 11.32 -14.21
C THR A 257 12.14 11.48 -15.33
N ALA A 258 11.84 10.40 -16.04
CA ALA A 258 10.90 10.44 -17.13
C ALA A 258 9.47 10.06 -16.70
N ARG A 259 9.31 9.54 -15.50
CA ARG A 259 7.98 9.13 -15.06
C ARG A 259 7.33 10.45 -14.65
N PRO A 260 5.99 10.52 -14.64
CA PRO A 260 5.27 11.65 -14.00
C PRO A 260 5.53 11.75 -12.50
N THR A 261 5.39 12.95 -11.94
CA THR A 261 5.44 13.07 -10.50
C THR A 261 4.07 12.68 -10.02
N ILE A 262 3.93 12.58 -8.71
CA ILE A 262 2.69 12.12 -8.19
C ILE A 262 1.61 13.25 -8.25
N ASN A 263 2.02 14.51 -8.13
CA ASN A 263 1.04 15.64 -8.12
C ASN A 263 0.56 15.89 -9.55
N GLU A 264 1.39 15.48 -10.48
CA GLU A 264 1.15 15.57 -11.91
C GLU A 264 0.15 14.52 -12.42
N LEU A 265 -0.01 13.41 -11.71
CA LEU A 265 -0.74 12.25 -12.25
C LEU A 265 -2.22 12.45 -12.49
N LEU A 266 -2.95 12.97 -11.50
CA LEU A 266 -4.40 13.09 -11.65
C LEU A 266 -4.73 14.05 -12.78
N ASN A 267 -3.72 14.67 -13.35
CA ASN A 267 -3.97 15.60 -14.45
C ASN A 267 -4.02 14.86 -15.78
N ASP A 268 -3.53 13.63 -15.80
CA ASP A 268 -3.51 12.80 -16.99
C ASP A 268 -4.88 12.58 -17.60
N GLU A 269 -4.91 12.62 -18.93
CA GLU A 269 -6.13 12.34 -19.68
C GLU A 269 -6.89 11.15 -19.12
N PHE A 270 -6.17 10.19 -18.54
CA PHE A 270 -6.81 8.96 -18.06
C PHE A 270 -7.87 9.26 -17.03
N PHE A 271 -7.61 10.25 -16.17
CA PHE A 271 -8.58 10.71 -15.17
C PHE A 271 -9.46 11.87 -15.66
N THR A 272 -8.84 12.87 -16.28
CA THR A 272 -9.58 14.05 -16.67
C THR A 272 -10.64 13.74 -17.73
N SER A 273 -10.38 12.81 -18.63
CA SER A 273 -11.34 12.55 -19.69
C SER A 273 -12.10 11.24 -19.63
N GLY A 274 -12.05 10.55 -18.49
CA GLY A 274 -12.88 9.37 -18.33
C GLY A 274 -13.77 9.45 -17.11
N TYR A 275 -14.76 8.55 -17.03
CA TYR A 275 -15.72 8.53 -15.93
C TYR A 275 -15.11 8.01 -14.63
N ILE A 276 -15.37 8.69 -13.53
CA ILE A 276 -14.89 8.30 -12.21
C ILE A 276 -16.03 8.25 -11.23
N PRO A 277 -16.49 7.04 -10.90
CA PRO A 277 -17.62 6.95 -9.96
C PRO A 277 -17.34 7.77 -8.71
N ALA A 278 -18.39 8.15 -8.02
CA ALA A 278 -18.25 8.85 -6.77
C ALA A 278 -18.19 7.84 -5.64
N ARG A 279 -18.80 6.68 -5.86
CA ARG A 279 -18.83 5.60 -4.89
C ARG A 279 -19.13 4.30 -5.64
N LEU A 280 -18.79 3.17 -5.04
CA LEU A 280 -19.00 1.88 -5.70
C LEU A 280 -20.06 1.06 -4.99
N PRO A 281 -20.78 0.22 -5.74
CA PRO A 281 -21.69 -0.74 -5.11
C PRO A 281 -20.89 -1.76 -4.33
N ILE A 282 -21.41 -2.18 -3.18
CA ILE A 282 -20.78 -3.22 -2.40
C ILE A 282 -20.78 -4.53 -3.19
N THR A 283 -21.70 -4.63 -4.14
CA THR A 283 -21.81 -5.80 -4.99
C THR A 283 -20.55 -5.96 -5.83
N CYS A 284 -19.78 -4.88 -5.96
CA CYS A 284 -18.64 -4.91 -6.86
C CYS A 284 -17.46 -5.66 -6.24
N LEU A 285 -17.59 -6.02 -4.97
CA LEU A 285 -16.66 -6.97 -4.36
C LEU A 285 -16.59 -8.26 -5.16
N THR A 286 -17.68 -8.56 -5.87
CA THR A 286 -17.82 -9.86 -6.53
C THR A 286 -18.46 -9.78 -7.91
N ILE A 287 -19.22 -8.71 -8.18
CA ILE A 287 -19.86 -8.56 -9.47
C ILE A 287 -19.38 -7.30 -10.19
N PRO A 288 -19.04 -7.42 -11.48
CA PRO A 288 -18.64 -6.25 -12.27
C PRO A 288 -19.77 -5.25 -12.33
N PRO A 289 -19.49 -3.97 -12.03
CA PRO A 289 -20.56 -2.98 -12.03
C PRO A 289 -20.82 -2.56 -13.46
N ARG A 290 -22.07 -2.35 -13.83
CA ARG A 290 -22.32 -1.90 -15.19
C ARG A 290 -22.43 -0.37 -15.32
N PHE A 291 -22.60 0.35 -14.21
CA PHE A 291 -22.64 1.81 -14.28
C PHE A 291 -23.72 2.31 -15.24
N SER A 292 -24.93 1.82 -15.03
CA SER A 292 -26.08 2.28 -15.78
C SER A 292 -26.51 3.68 -15.35
N ILE A 293 -27.18 4.37 -16.26
CA ILE A 293 -27.53 5.74 -16.04
C ILE A 293 -28.84 5.92 -15.26
N ALA A 294 -29.73 4.93 -15.26
CA ALA A 294 -30.96 5.12 -14.48
C ALA A 294 -31.41 3.95 -13.66
N PRO A 295 -31.58 4.15 -12.43
#